data_6Q3P
#
_entry.id   6Q3P
#
_cell.length_a   19.736
_cell.length_b   28.076
_cell.length_c   48.384
_cell.angle_alpha   86.361
_cell.angle_beta   86.681
_cell.angle_gamma   77.210
#
_symmetry.space_group_name_H-M   'P 1'
#
loop_
_entity.id
_entity.type
_entity.pdbx_description
1 polymer 'Leading Chain of the AAB Collagen Heterotrimer'
2 polymer 'Middle Chain of the AAB Collagen Heterotrimer'
3 polymer 'Trailing Chain of the AAB Collagen Heterotrimer'
4 non-polymer GLYCEROL
5 non-polymer 1,2-ETHANEDIOL
6 water water
#
loop_
_entity_poly.entity_id
_entity_poly.type
_entity_poly.pdbx_seq_one_letter_code
_entity_poly.pdbx_strand_id
1 'polypeptide(L)' GPPGPKGDPGPKGDPGPPGARGQAGV(NLE)GF(HYP)GPPGPPGPKGDKGDPGGY(NH2) A
2 'polypeptide(L)' (ACE)GPPGPKGDPGPKGDPGPPGARGQAGV(NLE)GF(HYP)GPPGPPGPKGDKGDPGGY(NH2) B
3 'polypeptide(L)' (ACE)GPKGPPGDKGPPGDPGPPGARGE(HYP)GNIGF(HYP)GPPGPKGPKGDPGDPGGY C
#
# COMPACT_ATOMS: atom_id res chain seq x y z
N GLY A 1 6.31 36.16 -60.67
CA GLY A 1 7.50 35.39 -60.26
C GLY A 1 7.14 33.99 -59.82
N PRO A 2 8.12 33.25 -59.36
CA PRO A 2 7.85 31.93 -58.88
C PRO A 2 7.07 31.96 -57.59
N PRO A 3 6.55 30.82 -57.21
CA PRO A 3 5.79 30.71 -55.95
C PRO A 3 6.63 31.01 -54.71
N GLY A 4 5.95 31.41 -53.65
CA GLY A 4 6.54 31.50 -52.34
C GLY A 4 6.78 30.14 -51.76
N PRO A 5 7.61 30.08 -50.74
CA PRO A 5 7.85 28.81 -50.06
C PRO A 5 6.61 28.28 -49.31
N LYS A 6 6.59 26.97 -49.13
CA LYS A 6 5.61 26.33 -48.25
C LYS A 6 5.68 26.92 -46.85
N GLY A 7 4.52 27.05 -46.23
CA GLY A 7 4.46 27.54 -44.87
C GLY A 7 5.19 26.65 -43.87
N ASP A 8 5.41 27.23 -42.70
CA ASP A 8 6.08 26.57 -41.62
C ASP A 8 5.15 25.52 -40.99
N PRO A 9 5.72 24.53 -40.30
CA PRO A 9 4.86 23.56 -39.60
C PRO A 9 4.03 24.25 -38.54
N GLY A 10 2.89 23.65 -38.20
CA GLY A 10 2.01 24.23 -37.21
C GLY A 10 2.59 24.15 -35.82
N PRO A 11 1.93 24.79 -34.84
CA PRO A 11 2.36 24.69 -33.44
C PRO A 11 2.22 23.29 -32.89
N LYS A 12 3.04 23.00 -31.92
CA LYS A 12 3.04 21.68 -31.34
C LYS A 12 1.76 21.42 -30.54
N GLY A 13 1.38 20.15 -30.49
CA GLY A 13 0.16 19.76 -29.81
C GLY A 13 0.29 19.83 -28.30
N ASP A 14 -0.84 19.69 -27.63
CA ASP A 14 -0.86 19.73 -26.19
C ASP A 14 -0.09 18.52 -25.62
N PRO A 15 0.50 18.63 -24.42
CA PRO A 15 1.00 17.43 -23.73
C PRO A 15 -0.16 16.53 -23.39
N GLY A 16 0.12 15.23 -23.26
CA GLY A 16 -0.87 14.28 -22.84
C GLY A 16 -1.27 14.51 -21.40
N PRO A 17 -2.27 13.77 -20.97
CA PRO A 17 -2.72 13.86 -19.60
C PRO A 17 -1.78 13.09 -18.69
N PRO A 18 -1.88 13.29 -17.37
CA PRO A 18 -1.13 12.45 -16.43
C PRO A 18 -1.36 10.97 -16.65
N GLY A 19 -0.36 10.20 -16.32
CA GLY A 19 -0.52 8.75 -16.33
C GLY A 19 -1.51 8.26 -15.29
N ALA A 20 -1.80 6.95 -15.38
CA ALA A 20 -2.68 6.26 -14.44
C ALA A 20 -2.05 6.19 -13.06
N ARG A 21 -2.90 6.12 -12.05
CA ARG A 21 -2.40 5.96 -10.70
C ARG A 21 -1.69 4.62 -10.59
N GLY A 22 -0.63 4.59 -9.78
CA GLY A 22 0.03 3.34 -9.51
C GLY A 22 -0.85 2.36 -8.74
N GLN A 23 -0.41 1.10 -8.75
CA GLN A 23 -1.11 0.03 -8.06
C GLN A 23 -1.12 0.32 -6.56
N ALA A 24 -2.19 -0.10 -5.89
CA ALA A 24 -2.25 0.01 -4.43
C ALA A 24 -1.15 -0.82 -3.79
N GLY A 25 -0.69 -0.37 -2.64
CA GLY A 25 0.35 -1.08 -1.91
C GLY A 25 -0.08 -2.45 -1.44
N VAL A 26 0.93 -3.26 -1.17
CA VAL A 26 0.75 -4.59 -0.59
C VAL A 26 0.21 -4.43 0.86
N GLY A 28 -0.05 -4.91 4.81
CA GLY A 28 0.92 -5.03 5.88
C GLY A 28 1.11 -6.45 6.35
N PHE A 29 2.28 -6.76 6.87
CA PHE A 29 2.50 -8.03 7.49
C PHE A 29 1.66 -8.13 8.79
N GLY A 31 0.71 -8.61 12.72
CA GLY A 31 1.33 -8.21 13.95
C GLY A 31 2.00 -9.37 14.63
N PRO A 32 2.83 -9.05 15.61
CA PRO A 32 3.49 -10.08 16.38
C PRO A 32 2.53 -10.78 17.32
N PRO A 33 2.89 -11.96 17.81
CA PRO A 33 2.02 -12.65 18.78
C PRO A 33 1.82 -11.82 20.05
N GLY A 34 0.71 -12.10 20.71
CA GLY A 34 0.39 -11.46 21.96
C GLY A 34 1.22 -11.96 23.12
N PRO A 35 1.03 -11.35 24.28
CA PRO A 35 1.74 -11.78 25.47
C PRO A 35 1.19 -13.07 26.04
N PRO A 36 1.93 -13.74 26.92
CA PRO A 36 1.36 -14.87 27.66
C PRO A 36 0.17 -14.42 28.48
N GLY A 37 -0.74 -15.36 28.73
CA GLY A 37 -1.73 -15.17 29.77
C GLY A 37 -1.11 -15.15 31.13
N PRO A 38 -1.85 -14.71 32.15
CA PRO A 38 -1.33 -14.72 33.51
C PRO A 38 -1.16 -16.16 34.02
N LYS A 39 -0.37 -16.26 35.09
CA LYS A 39 -0.21 -17.52 35.79
C LYS A 39 -1.56 -18.02 36.30
N GLY A 40 -1.73 -19.33 36.27
CA GLY A 40 -2.99 -19.92 36.69
C GLY A 40 -3.29 -19.71 38.15
N ASP A 41 -4.56 -19.96 38.47
CA ASP A 41 -5.00 -19.86 39.84
C ASP A 41 -4.30 -20.89 40.72
N LYS A 42 -4.04 -20.52 41.97
CA LYS A 42 -3.58 -21.51 42.92
C LYS A 42 -4.61 -22.63 43.05
N GLY A 43 -4.13 -23.82 43.25
CA GLY A 43 -5.00 -24.97 43.42
C GLY A 43 -5.86 -24.93 44.67
N ASP A 44 -6.85 -25.82 44.70
CA ASP A 44 -7.72 -25.98 45.85
C ASP A 44 -6.98 -26.66 47.01
N PRO A 45 -7.41 -26.41 48.25
CA PRO A 45 -6.68 -26.98 49.40
C PRO A 45 -6.89 -28.48 49.53
N GLY A 46 -5.89 -29.14 50.11
CA GLY A 46 -6.03 -30.53 50.48
C GLY A 46 -6.87 -30.73 51.72
N GLY A 47 -7.38 -31.95 51.90
CA GLY A 47 -8.15 -32.27 53.07
C GLY A 47 -7.32 -32.94 54.16
N TYR A 48 -7.97 -33.19 55.29
CA TYR A 48 -7.26 -33.70 56.46
C TYR A 48 -6.72 -35.10 56.17
N GLY B 2 4.22 36.89 -56.81
CA GLY B 2 4.05 35.53 -57.25
C GLY B 2 2.95 34.86 -56.45
N PRO B 3 2.59 33.63 -56.80
CA PRO B 3 1.61 32.89 -56.06
C PRO B 3 2.10 32.60 -54.65
N PRO B 4 1.23 32.66 -53.66
CA PRO B 4 1.63 32.24 -52.31
C PRO B 4 2.01 30.77 -52.28
N GLY B 5 2.92 30.45 -51.38
CA GLY B 5 3.26 29.08 -51.17
C GLY B 5 2.13 28.30 -50.52
N PRO B 6 2.21 26.98 -50.56
CA PRO B 6 1.17 26.17 -49.91
C PRO B 6 1.23 26.28 -48.39
N LYS B 7 0.14 25.86 -47.76
CA LYS B 7 0.06 25.84 -46.31
C LYS B 7 1.01 24.80 -45.76
N GLY B 8 1.55 25.11 -44.59
CA GLY B 8 2.45 24.20 -43.89
C GLY B 8 1.79 22.94 -43.40
N ASP B 9 2.64 22.02 -43.01
CA ASP B 9 2.22 20.75 -42.50
C ASP B 9 1.78 20.85 -41.04
N PRO B 10 1.02 19.87 -40.57
CA PRO B 10 0.55 19.89 -39.17
C PRO B 10 1.72 19.92 -38.25
N GLY B 11 1.49 20.56 -37.11
CA GLY B 11 2.43 20.67 -36.05
C GLY B 11 2.74 19.31 -35.46
N PRO B 12 3.83 19.24 -34.71
CA PRO B 12 4.22 17.95 -34.15
C PRO B 12 3.30 17.51 -33.01
N LYS B 13 3.20 16.21 -32.86
CA LYS B 13 2.51 15.61 -31.71
C LYS B 13 3.09 16.15 -30.40
N GLY B 14 2.23 16.33 -29.45
CA GLY B 14 2.63 16.78 -28.14
C GLY B 14 3.51 15.78 -27.40
N ASP B 15 4.13 16.28 -26.34
CA ASP B 15 4.92 15.45 -25.46
C ASP B 15 4.02 14.56 -24.58
N PRO B 16 4.54 13.45 -24.11
CA PRO B 16 3.77 12.64 -23.16
C PRO B 16 3.39 13.43 -21.91
N GLY B 17 2.27 13.04 -21.30
CA GLY B 17 1.86 13.65 -20.07
C GLY B 17 2.74 13.27 -18.90
N PRO B 18 2.56 13.94 -17.76
CA PRO B 18 3.40 13.69 -16.61
C PRO B 18 3.17 12.31 -16.02
N PRO B 19 4.11 11.82 -15.23
CA PRO B 19 3.90 10.52 -14.57
C PRO B 19 2.69 10.51 -13.64
N GLY B 20 2.03 9.36 -13.55
CA GLY B 20 0.90 9.18 -12.66
C GLY B 20 1.29 9.30 -11.21
N ALA B 21 0.27 9.46 -10.39
CA ALA B 21 0.41 9.55 -8.96
C ALA B 21 0.70 8.19 -8.36
N ARG B 22 1.36 8.22 -7.22
CA ARG B 22 1.67 6.98 -6.53
C ARG B 22 0.38 6.30 -6.05
N GLY B 23 0.40 4.99 -6.07
CA GLY B 23 -0.72 4.22 -5.55
C GLY B 23 -0.96 4.46 -4.07
N GLN B 24 -2.18 4.17 -3.66
CA GLN B 24 -2.54 4.27 -2.24
C GLN B 24 -1.73 3.30 -1.40
N ALA B 25 -1.51 3.64 -0.14
CA ALA B 25 -0.89 2.71 0.80
C ALA B 25 -1.77 1.48 0.95
N GLY B 26 -1.14 0.35 1.18
CA GLY B 26 -1.87 -0.89 1.34
C GLY B 26 -2.71 -0.95 2.60
N VAL B 27 -3.53 -2.01 2.69
CA VAL B 27 -4.37 -2.25 3.88
C VAL B 27 -3.51 -2.72 5.06
N GLY B 29 -2.21 -4.74 8.18
CA GLY B 29 -2.11 -6.18 8.41
C GLY B 29 -3.08 -6.72 9.45
N PHE B 30 -3.28 -8.04 9.41
CA PHE B 30 -4.14 -8.72 10.39
C PHE B 30 -3.46 -8.59 11.77
N GLY B 32 -1.79 -10.00 15.12
CA GLY B 32 -1.03 -11.19 15.41
C GLY B 32 -1.84 -12.27 16.08
N PRO B 33 -1.24 -13.45 16.17
CA PRO B 33 -1.88 -14.56 16.84
C PRO B 33 -1.88 -14.34 18.35
N PRO B 34 -2.67 -15.13 19.08
CA PRO B 34 -2.62 -15.04 20.54
C PRO B 34 -1.27 -15.48 21.07
N GLY B 35 -0.93 -14.95 22.23
CA GLY B 35 0.19 -15.42 22.99
C GLY B 35 -0.05 -16.80 23.56
N PRO B 36 0.97 -17.33 24.24
CA PRO B 36 0.87 -18.66 24.82
C PRO B 36 0.06 -18.64 26.10
N PRO B 37 -0.34 -19.80 26.57
CA PRO B 37 -0.93 -19.87 27.89
C PRO B 37 0.05 -19.40 28.94
N GLY B 38 -0.47 -18.89 30.05
CA GLY B 38 0.33 -18.62 31.20
C GLY B 38 0.84 -19.91 31.82
N PRO B 39 1.76 -19.76 32.77
CA PRO B 39 2.23 -20.94 33.49
C PRO B 39 1.18 -21.50 34.42
N LYS B 40 1.34 -22.77 34.76
CA LYS B 40 0.42 -23.44 35.68
C LYS B 40 0.48 -22.81 37.06
N GLY B 41 -0.67 -22.78 37.71
CA GLY B 41 -0.74 -22.23 39.04
C GLY B 41 -0.01 -23.07 40.09
N ASP B 42 0.19 -22.46 41.24
CA ASP B 42 0.81 -23.12 42.38
C ASP B 42 -0.11 -24.22 42.92
N LYS B 43 0.49 -25.26 43.47
CA LYS B 43 -0.25 -26.33 44.09
C LYS B 43 -1.03 -25.79 45.30
N GLY B 44 -2.19 -26.36 45.55
CA GLY B 44 -2.98 -25.94 46.67
C GLY B 44 -2.36 -26.30 48.00
N ASP B 45 -2.93 -25.72 49.06
CA ASP B 45 -2.40 -25.88 50.39
C ASP B 45 -2.36 -27.35 50.77
N PRO B 46 -1.31 -27.78 51.47
CA PRO B 46 -1.31 -29.13 52.05
C PRO B 46 -2.50 -29.31 52.98
N GLY B 47 -3.03 -30.51 53.04
CA GLY B 47 -4.08 -30.78 53.99
C GLY B 47 -3.56 -30.83 55.42
N GLY B 48 -4.44 -30.59 56.35
CA GLY B 48 -4.12 -30.74 57.75
C GLY B 48 -3.88 -32.18 58.14
N TYR B 49 -3.25 -32.34 59.30
CA TYR B 49 -2.88 -33.64 59.74
C TYR B 49 -4.05 -34.35 60.40
N GLY C 2 6.61 34.94 -54.90
CA GLY C 2 5.45 35.04 -54.04
C GLY C 2 5.74 34.90 -52.57
N PRO C 3 4.73 35.16 -51.75
CA PRO C 3 4.92 35.12 -50.29
C PRO C 3 4.88 33.70 -49.75
N LYS C 4 5.51 33.52 -48.59
CA LYS C 4 5.50 32.23 -47.92
C LYS C 4 4.07 31.89 -47.56
N GLY C 5 3.72 30.61 -47.64
CA GLY C 5 2.41 30.15 -47.26
C GLY C 5 2.13 30.23 -45.78
N PRO C 6 0.86 30.09 -45.40
CA PRO C 6 0.51 30.13 -43.97
C PRO C 6 0.97 28.87 -43.28
N PRO C 7 1.12 28.93 -41.97
CA PRO C 7 1.60 27.76 -41.24
C PRO C 7 0.56 26.65 -41.15
N GLY C 8 1.03 25.46 -40.85
CA GLY C 8 0.12 24.37 -40.56
C GLY C 8 -0.66 24.59 -39.29
N ASP C 9 -1.57 23.66 -39.03
CA ASP C 9 -2.37 23.71 -37.83
C ASP C 9 -1.64 23.07 -36.66
N LYS C 10 -2.19 23.34 -35.48
CA LYS C 10 -1.66 22.74 -34.25
C LYS C 10 -1.66 21.22 -34.34
N GLY C 11 -0.61 20.65 -33.82
CA GLY C 11 -0.46 19.21 -33.81
C GLY C 11 -1.40 18.49 -32.86
N PRO C 12 -1.36 17.16 -32.90
CA PRO C 12 -2.25 16.38 -32.08
C PRO C 12 -1.69 16.24 -30.67
N PRO C 13 -2.53 15.88 -29.72
CA PRO C 13 -2.08 15.83 -28.33
C PRO C 13 -1.18 14.62 -28.06
N GLY C 14 -0.38 14.75 -27.02
CA GLY C 14 0.51 13.69 -26.62
C GLY C 14 -0.15 12.53 -25.94
N ASP C 15 0.66 11.51 -25.71
CA ASP C 15 0.20 10.32 -25.05
C ASP C 15 0.00 10.58 -23.55
N PRO C 16 -0.85 9.79 -22.87
CA PRO C 16 -0.87 9.81 -21.41
C PRO C 16 0.50 9.43 -20.91
N GLY C 17 0.82 9.93 -19.72
CA GLY C 17 2.10 9.68 -19.17
C GLY C 17 2.26 8.27 -18.63
N PRO C 18 3.43 8.01 -18.12
CA PRO C 18 3.72 6.69 -17.56
C PRO C 18 2.96 6.47 -16.26
N PRO C 19 2.75 5.23 -15.87
CA PRO C 19 1.99 4.97 -14.64
C PRO C 19 2.76 5.36 -13.39
N GLY C 20 2.01 5.66 -12.32
CA GLY C 20 2.63 5.96 -11.05
C GLY C 20 3.26 4.73 -10.44
N ALA C 21 4.09 4.99 -9.43
CA ALA C 21 4.71 3.94 -8.65
C ALA C 21 3.68 3.23 -7.77
N ARG C 22 3.97 1.98 -7.45
CA ARG C 22 3.12 1.25 -6.52
C ARG C 22 3.12 1.93 -5.14
N GLY C 23 1.99 1.88 -4.48
CA GLY C 23 1.91 2.40 -3.12
C GLY C 23 2.78 1.66 -2.13
N GLU C 24 3.03 2.32 -1.02
CA GLU C 24 3.79 1.70 0.07
C GLU C 24 2.96 0.62 0.76
N GLY C 26 0.96 -1.52 3.48
CA GLY C 26 0.14 -1.24 4.62
C GLY C 26 0.91 -1.37 5.90
N ASN C 27 0.44 -0.76 6.99
CA ASN C 27 1.13 -0.92 8.26
C ASN C 27 1.07 -2.36 8.75
N ILE C 28 2.09 -2.71 9.55
CA ILE C 28 2.08 -3.99 10.23
C ILE C 28 0.88 -4.04 11.14
N GLY C 29 0.27 -5.23 11.28
CA GLY C 29 -0.92 -5.35 12.07
C GLY C 29 -0.63 -5.22 13.57
N PHE C 30 -1.70 -5.04 14.31
CA PHE C 30 -1.57 -4.90 15.76
C PHE C 30 -1.03 -6.16 16.39
N GLY C 32 -1.06 -9.37 18.68
CA GLY C 32 -2.13 -10.30 18.96
C GLY C 32 -2.63 -10.18 20.39
N PRO C 33 -3.73 -10.87 20.68
CA PRO C 33 -4.30 -10.81 22.03
C PRO C 33 -3.53 -11.68 23.00
N PRO C 34 -3.67 -11.42 24.28
CA PRO C 34 -3.02 -12.28 25.28
C PRO C 34 -3.48 -13.73 25.15
N GLY C 35 -2.59 -14.63 25.49
CA GLY C 35 -2.95 -16.01 25.59
C GLY C 35 -3.83 -16.25 26.80
N PRO C 36 -4.33 -17.46 26.92
CA PRO C 36 -5.24 -17.76 28.03
C PRO C 36 -4.49 -17.83 29.36
N LYS C 37 -5.23 -17.60 30.44
CA LYS C 37 -4.71 -17.87 31.77
C LYS C 37 -4.17 -19.30 31.83
N GLY C 38 -3.07 -19.47 32.56
CA GLY C 38 -2.52 -20.78 32.72
C GLY C 38 -3.45 -21.73 33.44
N PRO C 39 -3.15 -23.03 33.33
CA PRO C 39 -3.97 -24.02 34.01
C PRO C 39 -3.93 -23.82 35.51
N LYS C 40 -5.07 -24.10 36.14
CA LYS C 40 -5.16 -24.01 37.58
C LYS C 40 -4.22 -25.01 38.22
N GLY C 41 -3.67 -24.64 39.38
CA GLY C 41 -2.80 -25.56 40.07
C GLY C 41 -3.50 -26.83 40.50
N ASP C 42 -2.67 -27.80 40.79
CA ASP C 42 -3.16 -29.05 41.33
C ASP C 42 -3.71 -28.81 42.73
N PRO C 43 -4.70 -29.61 43.14
CA PRO C 43 -5.14 -29.51 44.53
C PRO C 43 -4.04 -29.95 45.49
N GLY C 44 -4.06 -29.41 46.70
CA GLY C 44 -3.15 -29.91 47.70
C GLY C 44 -3.41 -31.37 48.03
N ASP C 45 -2.40 -32.04 48.54
CA ASP C 45 -2.59 -33.42 48.93
C ASP C 45 -3.07 -33.52 50.36
N PRO C 46 -3.70 -34.63 50.71
CA PRO C 46 -4.18 -34.80 52.08
C PRO C 46 -3.02 -34.88 53.06
N GLY C 47 -3.28 -34.43 54.29
CA GLY C 47 -2.27 -34.50 55.31
C GLY C 47 -2.02 -35.92 55.77
N GLY C 48 -0.80 -36.16 56.25
CA GLY C 48 -0.42 -37.46 56.77
C GLY C 48 -0.91 -37.75 58.17
N TYR C 49 -0.67 -38.99 58.61
CA TYR C 49 -1.05 -39.45 59.93
C TYR C 49 0.18 -39.84 60.74
#